data_4E91
#
_entry.id   4E91
#
_cell.length_a   65.783
_cell.length_b   65.783
_cell.length_c   143.323
_cell.angle_alpha   90.00
_cell.angle_beta   90.00
_cell.angle_gamma   120.00
#
_symmetry.space_group_name_H-M   'P 32 2 1'
#
loop_
_entity.id
_entity.type
_entity.pdbx_description
1 polymer 'Gag protein'
2 non-polymer '4-{2-[5-(3-chlorophenyl)-1H-pyrazol-4-yl]-1-[3-(1H-imidazol-1-yl)propyl]-1H-benzimidazol-5-yl}benzoic acid'
3 non-polymer (3S)-1-ethyl-3-[3-hydroxy-5-(pyridin-3-yl)phenyl]-5-phenyl-7-(trifluoromethyl)-1H-1,5-benzodiazepine-2,4(3H,5H)-dione
4 non-polymer 'IODIDE ION'
5 water water
#
_entity_poly.entity_id   1
_entity_poly.type   'polypeptide(L)'
_entity_poly.pdbx_seq_one_letter_code
;PIVQNLQGQMVHQAISPRTLNAWVKVVEEKAFSPEVIPMFSALSEGATPQDLNTMLNTVGGHQAAMQMLKETINEEAAEW
DRLHPVHAGPIAPGQMREPRGSDIAGTTSTLQEQIGWMTHNPPIPVGEIYKRWIILGLNKIVRMYS
;
_entity_poly.pdbx_strand_id   A,B
#
loop_
_chem_comp.id
_chem_comp.type
_chem_comp.name
_chem_comp.formula
0OE non-polymer '4-{2-[5-(3-chlorophenyl)-1H-pyrazol-4-yl]-1-[3-(1H-imidazol-1-yl)propyl]-1H-benzimidazol-5-yl}benzoic acid' 'C29 H23 Cl N6 O2'
0OF non-polymer (3S)-1-ethyl-3-[3-hydroxy-5-(pyridin-3-yl)phenyl]-5-phenyl-7-(trifluoromethyl)-1H-1,5-benzodiazepine-2,4(3H,5H)-dione 'C29 H22 F3 N3 O3'
IOD non-polymer 'IODIDE ION' 'I -1'
#
# COMPACT_ATOMS: atom_id res chain seq x y z
N PRO A 1 10.97 10.30 8.56
CA PRO A 1 9.56 9.97 8.78
C PRO A 1 8.93 10.90 9.78
N ILE A 2 7.61 10.93 9.82
CA ILE A 2 6.92 11.66 10.86
C ILE A 2 6.88 10.76 12.08
N VAL A 3 7.41 11.26 13.20
CA VAL A 3 7.46 10.50 14.43
C VAL A 3 6.75 11.31 15.51
N GLN A 4 6.68 10.76 16.72
CA GLN A 4 6.03 11.44 17.84
C GLN A 4 7.01 12.33 18.56
N VAL A 11 5.99 15.32 14.30
CA VAL A 11 7.19 16.02 13.85
C VAL A 11 8.01 15.16 12.90
N HIS A 12 8.88 15.80 12.12
CA HIS A 12 9.70 15.06 11.15
C HIS A 12 11.16 14.91 11.57
N GLN A 13 11.70 13.71 11.36
CA GLN A 13 13.10 13.47 11.57
C GLN A 13 13.59 12.52 10.49
N ALA A 14 14.79 12.79 9.99
CA ALA A 14 15.39 11.96 8.95
C ALA A 14 15.68 10.55 9.47
N ILE A 15 15.58 9.56 8.58
CA ILE A 15 16.03 8.22 8.89
C ILE A 15 17.48 8.40 9.31
N SER A 16 17.95 7.64 10.28
CA SER A 16 19.34 7.82 10.71
C SER A 16 20.32 7.42 9.60
N PRO A 17 21.45 8.13 9.52
CA PRO A 17 22.46 7.76 8.52
C PRO A 17 22.89 6.31 8.63
N ARG A 18 23.03 5.78 9.85
CA ARG A 18 23.48 4.41 10.03
C ARG A 18 22.46 3.47 9.40
N THR A 19 21.18 3.76 9.61
CA THR A 19 20.15 2.91 9.06
C THR A 19 20.14 2.96 7.55
N LEU A 20 20.22 4.16 6.98
CA LEU A 20 20.21 4.32 5.52
C LEU A 20 21.44 3.66 4.89
N ASN A 21 22.62 3.88 5.47
CA ASN A 21 23.82 3.29 4.90
C ASN A 21 23.78 1.76 4.95
N ALA A 22 23.20 1.21 6.01
CA ALA A 22 23.10 -0.24 6.15
C ALA A 22 22.15 -0.78 5.08
N TRP A 23 21.08 -0.03 4.85
CA TRP A 23 20.06 -0.40 3.84
C TRP A 23 20.67 -0.41 2.43
N VAL A 24 21.53 0.56 2.13
CA VAL A 24 22.22 0.60 0.84
C VAL A 24 22.90 -0.73 0.56
N LYS A 25 23.56 -1.27 1.58
CA LYS A 25 24.26 -2.54 1.45
C LYS A 25 23.34 -3.75 1.36
N VAL A 26 22.25 -3.72 2.11
CA VAL A 26 21.24 -4.79 2.03
C VAL A 26 20.64 -4.86 0.63
N VAL A 27 20.24 -3.71 0.07
CA VAL A 27 19.66 -3.69 -1.27
C VAL A 27 20.65 -4.19 -2.31
N GLU A 28 21.90 -3.78 -2.18
CA GLU A 28 22.93 -4.26 -3.09
C GLU A 28 23.05 -5.78 -3.05
N GLU A 29 23.17 -6.32 -1.84
CA GLU A 29 23.31 -7.77 -1.66
C GLU A 29 22.11 -8.53 -2.19
N LYS A 30 20.92 -7.93 -2.07
CA LYS A 30 19.69 -8.59 -2.47
C LYS A 30 19.12 -7.99 -3.76
N ALA A 31 20.00 -7.46 -4.61
CA ALA A 31 19.53 -6.73 -5.78
C ALA A 31 18.50 -7.52 -6.58
N PHE A 32 17.40 -6.84 -6.90
CA PHE A 32 16.36 -7.33 -7.81
C PHE A 32 15.52 -8.50 -7.27
N SER A 33 15.72 -8.85 -6.00
CA SER A 33 14.97 -9.95 -5.41
C SER A 33 13.71 -9.44 -4.69
N PRO A 34 12.62 -10.21 -4.76
CA PRO A 34 11.36 -9.72 -4.20
C PRO A 34 11.38 -9.57 -2.67
N GLU A 35 12.28 -10.27 -1.96
CA GLU A 35 12.26 -10.14 -0.50
C GLU A 35 12.61 -8.72 -0.04
N VAL A 36 13.21 -7.93 -0.92
CA VAL A 36 13.51 -6.53 -0.62
C VAL A 36 12.24 -5.73 -0.44
N ILE A 37 11.17 -6.12 -1.12
CA ILE A 37 9.96 -5.28 -1.15
C ILE A 37 9.29 -5.12 0.23
N PRO A 38 9.03 -6.22 0.94
CA PRO A 38 8.53 -6.10 2.31
C PRO A 38 9.51 -5.37 3.21
N MET A 39 10.82 -5.50 2.95
CA MET A 39 11.80 -4.80 3.77
C MET A 39 11.68 -3.29 3.56
N PHE A 40 11.46 -2.89 2.31
CA PHE A 40 11.18 -1.49 1.96
C PHE A 40 9.95 -0.99 2.70
N SER A 41 8.87 -1.77 2.69
CA SER A 41 7.66 -1.38 3.38
C SER A 41 7.88 -1.16 4.89
N ALA A 42 8.68 -2.02 5.51
CA ALA A 42 9.00 -1.90 6.92
C ALA A 42 9.86 -0.67 7.21
N LEU A 43 10.87 -0.44 6.37
CA LEU A 43 11.79 0.68 6.56
C LEU A 43 11.08 2.02 6.47
N SER A 44 10.17 2.11 5.52
CA SER A 44 9.52 3.38 5.19
C SER A 44 8.23 3.65 5.96
N GLU A 45 8.05 2.99 7.11
CA GLU A 45 6.93 3.31 7.97
C GLU A 45 6.98 4.80 8.34
N GLY A 46 5.89 5.51 8.09
CA GLY A 46 5.82 6.93 8.44
C GLY A 46 6.54 7.87 7.49
N ALA A 47 7.01 7.34 6.35
CA ALA A 47 7.82 8.16 5.46
C ALA A 47 7.02 9.25 4.77
N THR A 48 7.66 10.41 4.61
CA THR A 48 7.18 11.44 3.70
C THR A 48 7.79 11.19 2.31
N PRO A 49 7.23 11.81 1.27
CA PRO A 49 7.86 11.70 -0.05
C PRO A 49 9.32 12.17 -0.05
N GLN A 50 9.62 13.21 0.73
CA GLN A 50 11.02 13.65 0.81
C GLN A 50 11.92 12.56 1.36
N ASP A 51 11.49 11.89 2.44
CA ASP A 51 12.23 10.75 3.00
C ASP A 51 12.46 9.69 1.92
N LEU A 52 11.39 9.36 1.20
CA LEU A 52 11.47 8.31 0.20
C LEU A 52 12.47 8.66 -0.90
N ASN A 53 12.48 9.92 -1.34
CA ASN A 53 13.41 10.31 -2.39
C ASN A 53 14.85 10.34 -1.91
N THR A 54 15.05 10.73 -0.65
CA THR A 54 16.40 10.69 -0.08
C THR A 54 16.89 9.24 -0.08
N MET A 55 16.02 8.33 0.33
CA MET A 55 16.37 6.92 0.37
C MET A 55 16.69 6.37 -1.02
N LEU A 56 15.80 6.64 -1.98
CA LEU A 56 16.01 6.16 -3.34
C LEU A 56 17.33 6.69 -3.91
N ASN A 57 17.59 7.98 -3.69
CA ASN A 57 18.80 8.61 -4.23
C ASN A 57 20.05 8.04 -3.56
N THR A 58 19.93 7.72 -2.28
CA THR A 58 21.04 7.11 -1.53
C THR A 58 21.31 5.67 -1.95
N VAL A 59 20.24 4.89 -2.10
CA VAL A 59 20.35 3.50 -2.56
C VAL A 59 20.99 3.42 -3.94
N GLY A 60 20.59 4.33 -4.84
CA GLY A 60 21.12 4.38 -6.18
C GLY A 60 20.95 3.04 -6.88
N GLY A 61 22.02 2.56 -7.50
CA GLY A 61 22.00 1.22 -8.06
C GLY A 61 22.13 1.18 -9.57
N HIS A 62 21.33 0.29 -10.16
CA HIS A 62 21.38 -0.04 -11.57
C HIS A 62 20.69 1.05 -12.40
N GLN A 63 21.41 1.63 -13.35
CA GLN A 63 20.90 2.81 -14.05
C GLN A 63 19.57 2.59 -14.81
N ALA A 64 19.50 1.53 -15.62
CA ALA A 64 18.27 1.24 -16.36
C ALA A 64 17.09 0.99 -15.41
N ALA A 65 17.37 0.31 -14.31
CA ALA A 65 16.34 0.00 -13.32
C ALA A 65 15.82 1.29 -12.68
N MET A 66 16.74 2.20 -12.37
CA MET A 66 16.37 3.50 -11.79
C MET A 66 15.46 4.27 -12.73
N GLN A 67 15.79 4.24 -14.01
CA GLN A 67 14.97 4.92 -15.02
C GLN A 67 13.60 4.29 -15.14
N MET A 68 13.53 2.96 -15.09
CA MET A 68 12.25 2.28 -15.13
C MET A 68 11.38 2.62 -13.92
N LEU A 69 12.01 2.71 -12.74
CA LEU A 69 11.30 3.11 -11.55
C LEU A 69 10.77 4.53 -11.70
N LYS A 70 11.60 5.42 -12.22
CA LYS A 70 11.18 6.80 -12.45
C LYS A 70 9.99 6.89 -13.42
N GLU A 71 10.04 6.10 -14.49
CA GLU A 71 8.97 6.13 -15.47
C GLU A 71 7.67 5.61 -14.88
N THR A 72 7.78 4.59 -14.05
CA THR A 72 6.61 4.03 -13.37
C THR A 72 5.99 5.06 -12.44
N ILE A 73 6.84 5.71 -11.65
CA ILE A 73 6.35 6.78 -10.78
C ILE A 73 5.61 7.86 -11.58
N ASN A 74 6.20 8.29 -12.69
CA ASN A 74 5.58 9.35 -13.49
C ASN A 74 4.24 8.93 -14.08
N GLU A 75 4.15 7.67 -14.50
CA GLU A 75 2.90 7.12 -14.99
C GLU A 75 1.82 7.13 -13.91
N GLU A 76 2.20 6.76 -12.69
CA GLU A 76 1.24 6.72 -11.59
C GLU A 76 0.81 8.12 -11.15
N ALA A 77 1.72 9.07 -11.22
CA ALA A 77 1.39 10.47 -10.92
C ALA A 77 0.38 11.01 -11.94
N ALA A 78 0.57 10.65 -13.21
CA ALA A 78 -0.39 11.05 -14.25
C ALA A 78 -1.77 10.46 -13.98
N GLU A 79 -1.80 9.19 -13.59
CA GLU A 79 -3.06 8.54 -13.27
C GLU A 79 -3.72 9.18 -12.05
N TRP A 80 -2.91 9.55 -11.05
CA TRP A 80 -3.45 10.23 -9.89
C TRP A 80 -4.17 11.51 -10.31
N ASP A 81 -3.58 12.25 -11.24
CA ASP A 81 -4.20 13.49 -11.70
C ASP A 81 -5.49 13.22 -12.45
N ARG A 82 -5.57 12.07 -13.11
CA ARG A 82 -6.79 11.71 -13.81
C ARG A 82 -7.89 11.34 -12.81
N LEU A 83 -7.52 10.63 -11.75
CA LEU A 83 -8.48 10.17 -10.75
C LEU A 83 -8.88 11.24 -9.74
N HIS A 84 -7.95 12.16 -9.47
CA HIS A 84 -8.15 13.18 -8.43
C HIS A 84 -7.68 14.55 -8.93
N PRO A 85 -8.33 15.07 -9.97
CA PRO A 85 -7.97 16.41 -10.48
C PRO A 85 -8.19 17.45 -9.41
N VAL A 86 -7.25 18.39 -9.29
CA VAL A 86 -7.35 19.43 -8.29
C VAL A 86 -8.17 20.59 -8.82
N MET A 96 -6.10 24.67 2.81
CA MET A 96 -4.93 23.95 2.31
C MET A 96 -5.18 23.41 0.91
N ARG A 97 -4.18 23.56 0.05
CA ARG A 97 -4.30 23.07 -1.32
C ARG A 97 -4.26 21.55 -1.34
N GLU A 98 -4.85 20.97 -2.38
CA GLU A 98 -4.78 19.54 -2.60
C GLU A 98 -3.55 19.18 -3.42
N PRO A 99 -2.93 18.03 -3.12
CA PRO A 99 -1.74 17.60 -3.88
C PRO A 99 -2.08 17.04 -5.25
N ARG A 100 -1.26 17.37 -6.25
CA ARG A 100 -1.31 16.70 -7.52
C ARG A 100 -0.26 15.57 -7.55
N GLY A 101 -0.16 14.86 -8.67
CA GLY A 101 0.69 13.68 -8.75
C GLY A 101 2.14 13.98 -8.41
N SER A 102 2.65 15.08 -8.96
CA SER A 102 4.03 15.45 -8.75
C SER A 102 4.30 15.90 -7.32
N ASP A 103 3.26 16.30 -6.60
CA ASP A 103 3.39 16.66 -5.20
C ASP A 103 3.55 15.42 -4.35
N ILE A 104 2.82 14.37 -4.72
CA ILE A 104 2.91 13.10 -4.02
C ILE A 104 4.27 12.43 -4.23
N ALA A 105 4.81 12.57 -5.43
CA ALA A 105 6.15 12.05 -5.71
C ALA A 105 7.25 12.94 -5.10
N GLY A 106 6.85 14.04 -4.49
CA GLY A 106 7.80 14.91 -3.79
C GLY A 106 8.57 15.85 -4.69
N THR A 107 8.23 15.85 -5.97
CA THR A 107 8.94 16.67 -6.96
C THR A 107 8.62 18.15 -6.79
N THR A 108 7.33 18.46 -6.75
CA THR A 108 6.87 19.86 -6.71
C THR A 108 6.40 20.33 -5.34
N SER A 109 6.52 19.47 -4.33
CA SER A 109 6.09 19.82 -2.98
C SER A 109 7.25 19.96 -2.03
N THR A 110 7.07 20.71 -0.95
CA THR A 110 8.08 20.79 0.09
C THR A 110 7.80 19.76 1.17
N LEU A 111 8.81 19.48 1.99
CA LEU A 111 8.63 18.64 3.16
C LEU A 111 7.49 19.16 4.03
N GLN A 112 7.44 20.47 4.24
CA GLN A 112 6.38 21.06 5.06
C GLN A 112 5.01 20.79 4.46
N GLU A 113 4.87 20.94 3.15
CA GLU A 113 3.59 20.66 2.51
C GLU A 113 3.17 19.20 2.68
N GLN A 114 4.13 18.30 2.53
CA GLN A 114 3.88 16.88 2.67
C GLN A 114 3.36 16.56 4.07
N ILE A 115 4.08 17.05 5.08
CA ILE A 115 3.60 16.90 6.47
C ILE A 115 2.20 17.50 6.60
N GLY A 116 2.01 18.66 5.99
CA GLY A 116 0.69 19.29 5.96
C GLY A 116 -0.45 18.38 5.50
N TRP A 117 -0.29 17.77 4.33
CA TRP A 117 -1.31 16.85 3.82
C TRP A 117 -1.49 15.65 4.72
N MET A 118 -0.39 15.13 5.24
CA MET A 118 -0.41 13.89 6.01
C MET A 118 -1.10 14.08 7.35
N THR A 119 -1.11 15.32 7.84
CA THR A 119 -1.71 15.61 9.14
C THR A 119 -2.95 16.49 9.06
N HIS A 120 -3.44 16.72 7.85
CA HIS A 120 -4.64 17.55 7.65
C HIS A 120 -5.88 16.81 8.18
N ASN A 121 -6.94 17.57 8.48
CA ASN A 121 -8.21 16.98 8.84
C ASN A 121 -9.27 17.30 7.79
N PRO A 122 -9.59 16.32 6.91
CA PRO A 122 -9.07 14.95 6.88
C PRO A 122 -7.76 14.85 6.09
N PRO A 123 -7.02 13.75 6.24
CA PRO A 123 -5.67 13.68 5.66
C PRO A 123 -5.61 13.07 4.26
N ILE A 124 -4.53 13.39 3.55
CA ILE A 124 -4.16 12.65 2.35
C ILE A 124 -2.77 12.11 2.64
N PRO A 125 -2.64 10.78 2.75
CA PRO A 125 -1.39 10.15 3.17
C PRO A 125 -0.43 10.04 1.99
N VAL A 126 0.16 11.17 1.63
CA VAL A 126 0.95 11.24 0.41
C VAL A 126 2.16 10.30 0.42
N GLY A 127 2.72 10.07 1.60
CA GLY A 127 3.81 9.12 1.72
C GLY A 127 3.37 7.70 1.37
N GLU A 128 2.23 7.29 1.90
CA GLU A 128 1.70 5.95 1.64
C GLU A 128 1.31 5.75 0.19
N ILE A 129 0.76 6.80 -0.42
CA ILE A 129 0.36 6.72 -1.82
C ILE A 129 1.61 6.56 -2.70
N TYR A 130 2.63 7.38 -2.45
CA TYR A 130 3.88 7.32 -3.21
C TYR A 130 4.52 5.94 -3.07
N LYS A 131 4.51 5.42 -1.84
CA LYS A 131 5.02 4.08 -1.58
C LYS A 131 4.41 3.03 -2.50
N ARG A 132 3.11 3.10 -2.76
CA ARG A 132 2.51 2.11 -3.64
C ARG A 132 3.01 2.25 -5.06
N TRP A 133 3.32 3.49 -5.47
CA TRP A 133 3.86 3.69 -6.82
C TRP A 133 5.27 3.12 -6.90
N ILE A 134 6.06 3.36 -5.88
CA ILE A 134 7.41 2.83 -5.82
C ILE A 134 7.37 1.30 -5.85
N ILE A 135 6.46 0.71 -5.08
CA ILE A 135 6.33 -0.74 -5.03
C ILE A 135 5.91 -1.34 -6.38
N LEU A 136 4.99 -0.67 -7.08
CA LEU A 136 4.66 -1.08 -8.43
C LEU A 136 5.93 -1.13 -9.30
N GLY A 137 6.74 -0.08 -9.23
CA GLY A 137 7.99 -0.07 -9.96
C GLY A 137 8.93 -1.20 -9.55
N LEU A 138 9.09 -1.40 -8.25
CA LEU A 138 9.98 -2.47 -7.77
C LEU A 138 9.53 -3.84 -8.28
N ASN A 139 8.22 -4.08 -8.30
CA ASN A 139 7.70 -5.34 -8.80
C ASN A 139 7.96 -5.55 -10.28
N LYS A 140 7.82 -4.48 -11.07
CA LYS A 140 8.10 -4.56 -12.49
C LYS A 140 9.58 -4.87 -12.73
N ILE A 141 10.43 -4.28 -11.89
CA ILE A 141 11.87 -4.52 -11.96
C ILE A 141 12.23 -5.96 -11.59
N VAL A 142 11.58 -6.50 -10.57
CA VAL A 142 11.79 -7.91 -10.22
C VAL A 142 11.54 -8.80 -11.42
N ARG A 143 10.39 -8.61 -12.06
CA ARG A 143 10.05 -9.44 -13.22
C ARG A 143 11.05 -9.24 -14.36
N MET A 144 11.46 -8.01 -14.60
CA MET A 144 12.32 -7.75 -15.76
C MET A 144 13.67 -8.45 -15.65
N TYR A 145 14.21 -8.50 -14.44
CA TYR A 145 15.54 -9.06 -14.26
C TYR A 145 15.51 -10.50 -13.73
N SER A 146 14.32 -11.11 -13.72
CA SER A 146 14.16 -12.48 -13.24
C SER A 146 14.72 -13.53 -14.20
N PRO B 1 -7.72 -9.52 12.17
CA PRO B 1 -6.35 -9.06 11.96
C PRO B 1 -5.35 -9.94 12.70
N ILE B 2 -4.08 -9.85 12.33
CA ILE B 2 -3.04 -10.47 13.11
C ILE B 2 -2.44 -9.41 14.01
N VAL B 3 -2.36 -9.72 15.29
CA VAL B 3 -1.87 -8.77 16.28
C VAL B 3 -0.94 -9.45 17.27
N GLN B 4 -0.05 -8.68 17.89
CA GLN B 4 0.79 -9.21 18.96
C GLN B 4 -0.05 -9.27 20.23
N ASN B 5 -0.23 -10.47 20.77
CA ASN B 5 -0.98 -10.65 22.00
C ASN B 5 -0.23 -10.09 23.21
N LEU B 6 -0.75 -10.32 24.41
CA LEU B 6 -0.17 -9.72 25.61
C LEU B 6 1.13 -10.40 26.03
N GLN B 7 1.47 -11.51 25.38
CA GLN B 7 2.70 -12.22 25.71
C GLN B 7 3.69 -12.20 24.55
N GLY B 8 3.49 -11.28 23.61
CA GLY B 8 4.45 -11.02 22.55
C GLY B 8 4.33 -11.91 21.32
N GLN B 9 3.28 -12.73 21.28
CA GLN B 9 3.07 -13.69 20.20
C GLN B 9 2.03 -13.20 19.19
N MET B 10 2.35 -13.30 17.89
CA MET B 10 1.41 -12.91 16.86
C MET B 10 0.28 -13.94 16.72
N VAL B 11 -0.96 -13.46 16.80
CA VAL B 11 -2.12 -14.32 16.67
C VAL B 11 -3.21 -13.60 15.87
N HIS B 12 -4.16 -14.38 15.35
CA HIS B 12 -5.31 -13.81 14.64
C HIS B 12 -6.53 -13.63 15.55
N GLN B 13 -7.22 -12.50 15.39
CA GLN B 13 -8.47 -12.24 16.09
C GLN B 13 -9.44 -11.65 15.08
N ALA B 14 -10.74 -11.88 15.26
CA ALA B 14 -11.73 -11.25 14.41
C ALA B 14 -11.70 -9.73 14.57
N ILE B 15 -12.18 -9.01 13.56
CA ILE B 15 -12.34 -7.57 13.71
C ILE B 15 -13.32 -7.34 14.87
N SER B 16 -13.04 -6.36 15.71
CA SER B 16 -13.93 -6.12 16.85
C SER B 16 -15.27 -5.55 16.39
N PRO B 17 -16.36 -5.95 17.07
CA PRO B 17 -17.66 -5.36 16.75
C PRO B 17 -17.61 -3.84 16.73
N ARG B 18 -16.95 -3.21 17.69
CA ARG B 18 -16.78 -1.74 17.66
C ARG B 18 -16.29 -1.20 16.32
N THR B 19 -15.21 -1.79 15.81
CA THR B 19 -14.61 -1.40 14.54
C THR B 19 -15.53 -1.61 13.36
N LEU B 20 -16.17 -2.78 13.31
CA LEU B 20 -17.10 -3.04 12.22
C LEU B 20 -18.22 -2.03 12.25
N ASN B 21 -18.80 -1.79 13.43
CA ASN B 21 -19.94 -0.87 13.51
C ASN B 21 -19.56 0.51 13.01
N ALA B 22 -18.32 0.93 13.29
CA ALA B 22 -17.80 2.21 12.78
C ALA B 22 -17.59 2.23 11.28
N TRP B 23 -17.02 1.15 10.72
CA TRP B 23 -16.82 1.04 9.29
C TRP B 23 -18.16 1.11 8.59
N VAL B 24 -19.16 0.42 9.13
CA VAL B 24 -20.45 0.43 8.47
C VAL B 24 -20.98 1.86 8.40
N LYS B 25 -20.87 2.58 9.50
CA LYS B 25 -21.24 4.00 9.54
C LYS B 25 -20.47 4.83 8.52
N VAL B 26 -19.16 4.61 8.43
CA VAL B 26 -18.30 5.22 7.40
C VAL B 26 -18.78 5.01 5.98
N VAL B 27 -18.95 3.75 5.58
CA VAL B 27 -19.48 3.44 4.27
C VAL B 27 -20.69 4.33 4.01
N GLU B 28 -21.62 4.32 4.95
CA GLU B 28 -22.89 4.98 4.71
C GLU B 28 -22.74 6.50 4.60
N GLU B 29 -22.00 7.11 5.54
CA GLU B 29 -21.91 8.57 5.59
C GLU B 29 -20.98 9.16 4.53
N LYS B 30 -19.94 8.42 4.18
CA LYS B 30 -18.91 8.95 3.29
C LYS B 30 -18.80 8.14 2.00
N ALA B 31 -19.85 7.39 1.71
CA ALA B 31 -19.92 6.60 0.48
C ALA B 31 -19.37 7.36 -0.72
N PHE B 32 -18.37 6.76 -1.37
CA PHE B 32 -17.83 7.25 -2.63
C PHE B 32 -16.88 8.44 -2.51
N SER B 33 -16.85 9.11 -1.36
CA SER B 33 -15.95 10.25 -1.18
C SER B 33 -14.51 9.78 -0.97
N PRO B 34 -13.53 10.57 -1.44
CA PRO B 34 -12.12 10.15 -1.29
C PRO B 34 -11.73 9.94 0.16
N GLU B 35 -12.35 10.66 1.08
CA GLU B 35 -11.96 10.57 2.48
C GLU B 35 -12.23 9.16 3.01
N VAL B 36 -13.04 8.40 2.29
CA VAL B 36 -13.34 7.05 2.70
C VAL B 36 -12.08 6.19 2.67
N ILE B 37 -11.14 6.56 1.80
CA ILE B 37 -9.98 5.68 1.59
C ILE B 37 -9.00 5.63 2.77
N PRO B 38 -8.59 6.81 3.29
CA PRO B 38 -7.80 6.74 4.51
C PRO B 38 -8.58 6.14 5.68
N MET B 39 -9.91 6.25 5.67
CA MET B 39 -10.73 5.63 6.71
C MET B 39 -10.75 4.12 6.57
N PHE B 40 -10.89 3.63 5.34
CA PHE B 40 -10.76 2.19 5.09
C PHE B 40 -9.38 1.72 5.52
N SER B 41 -8.35 2.44 5.09
CA SER B 41 -6.98 2.08 5.42
C SER B 41 -6.76 1.97 6.94
N ALA B 42 -7.32 2.92 7.68
CA ALA B 42 -7.17 2.93 9.12
C ALA B 42 -7.92 1.77 9.77
N LEU B 43 -9.15 1.55 9.33
CA LEU B 43 -10.00 0.55 9.96
C LEU B 43 -9.61 -0.89 9.60
N SER B 44 -8.67 -1.03 8.66
CA SER B 44 -8.23 -2.35 8.21
C SER B 44 -6.80 -2.69 8.64
N GLU B 45 -6.27 -1.97 9.62
CA GLU B 45 -4.91 -2.24 10.10
C GLU B 45 -4.70 -3.70 10.51
N GLY B 46 -3.64 -4.32 9.97
CA GLY B 46 -3.29 -5.70 10.30
C GLY B 46 -4.15 -6.80 9.68
N ALA B 47 -5.05 -6.42 8.77
CA ALA B 47 -6.02 -7.35 8.22
C ALA B 47 -5.40 -8.48 7.41
N THR B 48 -5.99 -9.68 7.50
CA THR B 48 -5.71 -10.76 6.56
C THR B 48 -6.66 -10.58 5.38
N PRO B 49 -6.40 -11.25 4.24
CA PRO B 49 -7.35 -11.18 3.14
C PRO B 49 -8.76 -11.60 3.56
N GLN B 50 -8.89 -12.61 4.43
CA GLN B 50 -10.20 -12.99 4.94
C GLN B 50 -10.89 -11.82 5.65
N ASP B 51 -10.15 -11.10 6.50
CA ASP B 51 -10.68 -9.95 7.20
C ASP B 51 -11.14 -8.90 6.21
N LEU B 52 -10.34 -8.67 5.19
CA LEU B 52 -10.67 -7.67 4.19
C LEU B 52 -11.96 -8.04 3.46
N ASN B 53 -12.12 -9.31 3.14
CA ASN B 53 -13.36 -9.74 2.49
C ASN B 53 -14.60 -9.55 3.38
N THR B 54 -14.44 -9.82 4.67
CA THR B 54 -15.50 -9.49 5.63
C THR B 54 -15.91 -8.01 5.57
N MET B 55 -14.95 -7.10 5.55
CA MET B 55 -15.29 -5.67 5.45
C MET B 55 -16.01 -5.33 4.17
N LEU B 56 -15.57 -5.94 3.07
CA LEU B 56 -16.16 -5.64 1.79
C LEU B 56 -17.63 -6.08 1.73
N ASN B 57 -18.01 -7.07 2.51
CA ASN B 57 -19.42 -7.47 2.52
C ASN B 57 -20.34 -6.27 2.78
N THR B 58 -19.81 -5.30 3.50
CA THR B 58 -20.55 -4.11 3.91
C THR B 58 -20.90 -3.22 2.73
N VAL B 59 -20.11 -3.29 1.68
CA VAL B 59 -20.40 -2.60 0.42
C VAL B 59 -21.14 -3.64 -0.41
N GLY B 60 -21.15 -3.50 -1.73
CA GLY B 60 -21.93 -4.42 -2.54
C GLY B 60 -23.39 -4.16 -2.27
N GLY B 61 -23.64 -3.33 -1.27
CA GLY B 61 -24.92 -2.66 -1.12
C GLY B 61 -25.05 -1.77 -2.33
N HIS B 62 -23.93 -1.17 -2.74
CA HIS B 62 -23.88 -0.55 -4.07
C HIS B 62 -23.25 -1.52 -5.07
N GLN B 63 -24.10 -2.21 -5.81
CA GLN B 63 -23.65 -3.33 -6.63
C GLN B 63 -22.71 -2.91 -7.76
N ALA B 64 -22.95 -1.76 -8.37
CA ALA B 64 -22.08 -1.33 -9.46
C ALA B 64 -20.67 -1.09 -8.94
N ALA B 65 -20.56 -0.44 -7.79
CA ALA B 65 -19.25 -0.24 -7.17
C ALA B 65 -18.60 -1.57 -6.84
N MET B 66 -19.40 -2.51 -6.36
CA MET B 66 -18.91 -3.82 -5.97
C MET B 66 -18.34 -4.56 -7.19
N GLN B 67 -19.03 -4.45 -8.33
CA GLN B 67 -18.56 -5.13 -9.53
C GLN B 67 -17.29 -4.48 -10.09
N MET B 68 -17.17 -3.16 -9.91
CA MET B 68 -15.95 -2.46 -10.29
C MET B 68 -14.77 -2.97 -9.44
N LEU B 69 -14.99 -3.05 -8.13
CA LEU B 69 -13.98 -3.53 -7.22
C LEU B 69 -13.54 -4.95 -7.60
N LYS B 70 -14.51 -5.79 -7.93
CA LYS B 70 -14.23 -7.18 -8.28
C LYS B 70 -13.38 -7.31 -9.53
N GLU B 71 -13.67 -6.50 -10.56
CA GLU B 71 -12.85 -6.54 -11.77
C GLU B 71 -11.43 -6.08 -11.47
N THR B 72 -11.32 -5.03 -10.68
CA THR B 72 -10.00 -4.50 -10.34
C THR B 72 -9.17 -5.55 -9.61
N ILE B 73 -9.79 -6.20 -8.62
CA ILE B 73 -9.10 -7.23 -7.85
C ILE B 73 -8.65 -8.38 -8.75
N ASN B 74 -9.53 -8.84 -9.64
CA ASN B 74 -9.15 -9.93 -10.52
C ASN B 74 -8.00 -9.55 -11.47
N GLU B 75 -8.00 -8.30 -11.93
CA GLU B 75 -6.91 -7.79 -12.78
C GLU B 75 -5.59 -7.75 -12.03
N GLU B 76 -5.62 -7.25 -10.80
CA GLU B 76 -4.40 -7.18 -10.00
C GLU B 76 -3.90 -8.58 -9.66
N ALA B 77 -4.81 -9.50 -9.41
CA ALA B 77 -4.42 -10.88 -9.13
C ALA B 77 -3.75 -11.51 -10.35
N ALA B 78 -4.28 -11.29 -11.53
CA ALA B 78 -3.66 -11.77 -12.75
C ALA B 78 -2.26 -11.18 -12.93
N GLU B 79 -2.13 -9.89 -12.64
CA GLU B 79 -0.85 -9.21 -12.76
C GLU B 79 0.15 -9.75 -11.74
N TRP B 80 -0.32 -10.09 -10.53
CA TRP B 80 0.53 -10.74 -9.56
C TRP B 80 1.13 -12.03 -10.13
N ASP B 81 0.29 -12.84 -10.76
CA ASP B 81 0.77 -14.11 -11.28
C ASP B 81 1.80 -13.90 -12.38
N ARG B 82 1.64 -12.84 -13.17
CA ARG B 82 2.58 -12.54 -14.24
C ARG B 82 3.89 -12.04 -13.64
N LEU B 83 3.79 -11.23 -12.59
CA LEU B 83 4.99 -10.63 -11.98
C LEU B 83 5.74 -11.62 -11.11
N HIS B 84 5.01 -12.58 -10.56
CA HIS B 84 5.58 -13.55 -9.64
C HIS B 84 5.13 -14.96 -9.98
N PRO B 85 5.62 -15.49 -11.10
CA PRO B 85 5.18 -16.81 -11.58
C PRO B 85 5.67 -17.94 -10.69
N MET B 96 6.90 -24.15 2.63
CA MET B 96 5.63 -23.45 2.46
C MET B 96 5.42 -23.04 1.01
N ARG B 97 4.22 -23.26 0.51
CA ARG B 97 3.87 -22.84 -0.85
C ARG B 97 3.83 -21.31 -0.93
N GLU B 98 4.13 -20.78 -2.10
CA GLU B 98 4.07 -19.34 -2.34
C GLU B 98 2.69 -19.00 -2.88
N PRO B 99 2.17 -17.82 -2.54
CA PRO B 99 0.80 -17.47 -2.94
C PRO B 99 0.64 -17.13 -4.42
N ARG B 100 -0.49 -17.56 -4.99
CA ARG B 100 -0.95 -17.10 -6.29
C ARG B 100 -1.84 -15.86 -6.11
N GLY B 101 -2.17 -15.21 -7.21
CA GLY B 101 -3.04 -14.03 -7.17
C GLY B 101 -4.35 -14.27 -6.43
N SER B 102 -5.06 -15.35 -6.76
CA SER B 102 -6.31 -15.63 -6.10
C SER B 102 -6.16 -16.04 -4.62
N ASP B 103 -4.95 -16.46 -4.24
CA ASP B 103 -4.66 -16.71 -2.83
C ASP B 103 -4.61 -15.40 -2.04
N ILE B 104 -4.02 -14.39 -2.67
CA ILE B 104 -3.88 -13.08 -2.03
C ILE B 104 -5.25 -12.42 -1.84
N ALA B 105 -6.14 -12.63 -2.81
CA ALA B 105 -7.51 -12.10 -2.73
C ALA B 105 -8.40 -12.90 -1.76
N GLY B 106 -7.87 -14.04 -1.28
CA GLY B 106 -8.58 -14.84 -0.31
C GLY B 106 -9.53 -15.85 -0.91
N THR B 107 -9.63 -15.84 -2.25
CA THR B 107 -10.55 -16.72 -2.98
C THR B 107 -10.15 -18.19 -2.90
N THR B 108 -8.86 -18.48 -2.96
CA THR B 108 -8.37 -19.86 -2.99
C THR B 108 -7.42 -20.21 -1.87
N SER B 109 -7.37 -19.39 -0.82
CA SER B 109 -6.50 -19.65 0.33
C SER B 109 -7.30 -19.67 1.62
N THR B 110 -6.80 -20.39 2.62
CA THR B 110 -7.43 -20.43 3.93
C THR B 110 -6.86 -19.35 4.83
N LEU B 111 -7.57 -19.08 5.92
CA LEU B 111 -7.08 -18.15 6.92
C LEU B 111 -5.70 -18.58 7.42
N GLN B 112 -5.53 -19.89 7.68
CA GLN B 112 -4.24 -20.36 8.18
C GLN B 112 -3.12 -20.16 7.17
N GLU B 113 -3.42 -20.37 5.89
CA GLU B 113 -2.44 -20.16 4.84
C GLU B 113 -2.06 -18.68 4.80
N GLN B 114 -3.06 -17.82 4.87
CA GLN B 114 -2.81 -16.36 4.87
C GLN B 114 -1.92 -15.96 6.04
N ILE B 115 -2.22 -16.46 7.23
CA ILE B 115 -1.38 -16.20 8.40
C ILE B 115 0.02 -16.76 8.19
N GLY B 116 0.11 -17.95 7.60
CA GLY B 116 1.39 -18.56 7.31
C GLY B 116 2.27 -17.66 6.45
N TRP B 117 1.70 -17.07 5.40
CA TRP B 117 2.47 -16.18 4.55
C TRP B 117 2.87 -14.91 5.29
N MET B 118 1.93 -14.31 6.01
CA MET B 118 2.18 -13.03 6.67
C MET B 118 3.22 -13.12 7.79
N THR B 119 3.35 -14.31 8.40
CA THR B 119 4.27 -14.48 9.52
C THR B 119 5.47 -15.36 9.19
N HIS B 120 5.62 -15.69 7.92
CA HIS B 120 6.76 -16.48 7.47
C HIS B 120 8.04 -15.68 7.61
N ASN B 121 9.16 -16.39 7.78
CA ASN B 121 10.48 -15.77 7.79
C ASN B 121 11.25 -16.20 6.55
N PRO B 122 11.33 -15.32 5.53
CA PRO B 122 10.78 -13.96 5.48
C PRO B 122 9.34 -13.96 4.95
N PRO B 123 8.59 -12.87 5.21
CA PRO B 123 7.14 -12.87 4.97
C PRO B 123 6.71 -12.40 3.59
N ILE B 124 5.52 -12.81 3.19
CA ILE B 124 4.82 -12.20 2.07
C ILE B 124 3.55 -11.62 2.65
N PRO B 125 3.47 -10.28 2.72
CA PRO B 125 2.36 -9.62 3.43
C PRO B 125 1.09 -9.60 2.58
N VAL B 126 0.42 -10.75 2.49
CA VAL B 126 -0.68 -10.87 1.56
C VAL B 126 -1.84 -9.95 1.89
N GLY B 127 -2.01 -9.62 3.18
CA GLY B 127 -3.03 -8.68 3.58
C GLY B 127 -2.75 -7.30 3.04
N GLU B 128 -1.50 -6.87 3.13
CA GLU B 128 -1.13 -5.54 2.65
C GLU B 128 -1.20 -5.46 1.14
N ILE B 129 -0.83 -6.55 0.48
CA ILE B 129 -0.88 -6.58 -0.98
C ILE B 129 -2.33 -6.47 -1.45
N TYR B 130 -3.21 -7.28 -0.86
CA TYR B 130 -4.62 -7.27 -1.24
C TYR B 130 -5.24 -5.90 -0.95
N LYS B 131 -4.85 -5.31 0.18
CA LYS B 131 -5.34 -3.99 0.51
C LYS B 131 -4.99 -2.97 -0.60
N ARG B 132 -3.82 -3.10 -1.21
CA ARG B 132 -3.46 -2.17 -2.28
C ARG B 132 -4.41 -2.34 -3.48
N TRP B 133 -4.78 -3.58 -3.77
CA TRP B 133 -5.64 -3.87 -4.90
C TRP B 133 -7.02 -3.31 -4.63
N ILE B 134 -7.47 -3.44 -3.38
CA ILE B 134 -8.78 -2.92 -3.00
C ILE B 134 -8.74 -1.40 -3.12
N ILE B 135 -7.65 -0.80 -2.65
CA ILE B 135 -7.54 0.65 -2.70
C ILE B 135 -7.48 1.16 -4.15
N LEU B 136 -6.80 0.42 -5.01
CA LEU B 136 -6.80 0.80 -6.44
C LEU B 136 -8.25 0.84 -6.93
N GLY B 137 -9.04 -0.15 -6.52
CA GLY B 137 -10.43 -0.21 -6.93
C GLY B 137 -11.24 0.94 -6.34
N LEU B 138 -11.01 1.23 -5.07
CA LEU B 138 -11.71 2.32 -4.40
C LEU B 138 -11.41 3.67 -5.06
N ASN B 139 -10.15 3.85 -5.49
CA ASN B 139 -9.80 5.08 -6.20
C ASN B 139 -10.57 5.24 -7.51
N LYS B 140 -10.76 4.14 -8.24
CA LYS B 140 -11.50 4.17 -9.51
C LYS B 140 -12.96 4.51 -9.25
N ILE B 141 -13.51 3.94 -8.18
CA ILE B 141 -14.90 4.19 -7.80
C ILE B 141 -15.13 5.65 -7.40
N VAL B 142 -14.20 6.22 -6.63
CA VAL B 142 -14.31 7.63 -6.27
C VAL B 142 -14.39 8.50 -7.53
N ARG B 143 -13.52 8.22 -8.49
CA ARG B 143 -13.53 8.97 -9.75
C ARG B 143 -14.87 8.78 -10.45
N MET B 144 -15.32 7.54 -10.52
CA MET B 144 -16.53 7.19 -11.24
C MET B 144 -17.74 7.97 -10.73
N TYR B 145 -17.81 8.16 -9.42
CA TYR B 145 -18.99 8.77 -8.78
C TYR B 145 -18.77 10.20 -8.28
N SER B 146 -17.70 10.82 -8.75
CA SER B 146 -17.39 12.19 -8.38
C SER B 146 -18.35 13.18 -9.04
N1 0OE C . -11.27 17.98 2.89
N2 0OE C . -12.33 17.18 2.85
C3 0OE C . -12.10 15.98 2.19
C4 0OE C . -10.78 16.05 1.78
C5 0OE C . -10.28 17.32 2.22
C6 0OE C . -8.89 17.89 2.03
C7 0OE C . -7.75 17.22 2.48
C8 0OE C . -6.50 17.81 2.29
C9 0OE C . -6.38 19.04 1.66
C10 0OE C . -7.52 19.71 1.22
C11 0OE C . -8.77 19.13 1.40
C12 0OE C . -10.04 15.00 0.99
N13 0OE C . -9.64 15.17 -0.33
C14 0OE C . -8.98 13.99 -0.72
C15 0OE C . -9.04 13.17 0.42
N16 0OE C . -9.69 13.80 1.48
C17 0OE C . -8.40 13.59 -1.91
C18 0OE C . -7.84 12.31 -1.89
C19 0OE C . -7.89 11.46 -0.78
C20 0OE C . -8.48 11.88 0.41
C21 0OE C . -7.21 10.11 -0.91
C22 0OE C . -7.24 9.42 -2.10
C23 0OE C . -6.56 8.21 -2.23
C24 0OE C . -5.88 7.69 -1.13
C25 0OE C . -5.85 8.39 0.07
C26 0OE C . -6.52 9.61 0.18
C27 0OE C . -5.13 6.40 -1.24
O28 0OE C . -5.02 5.87 -2.38
O29 0OE C . -4.57 5.92 -0.22
CL 0OE C . -5.05 17.03 2.83
C31 0OE C . -9.86 16.36 -1.18
C32 0OE C . -11.06 16.07 -2.06
C33 0OE C . -11.64 17.32 -2.66
N34 0OE C . -12.07 18.21 -1.60
C35 0OE C . -11.57 19.49 -1.33
N36 0OE C . -12.16 20.05 -0.25
C37 0OE C . -13.08 19.10 0.18
C38 0OE C . -13.04 17.94 -0.62
C1 0OF D . 18.85 -1.59 -6.62
C2 0OF D . 18.39 -0.72 -7.78
N3 0OF D . 17.28 0.10 -7.53
C4 0OF D . 16.58 0.09 -6.31
C5 0OF D . 16.20 -1.13 -5.71
N6 0OF D . 16.58 -2.45 -6.19
C7 0OF D . 17.89 -2.76 -6.59
O8 0OF D . 18.95 -0.68 -8.86
O9 0OF D . 18.22 -3.89 -6.94
C10 0OF D . 15.49 -1.11 -4.50
C11 0OF D . 15.08 0.09 -3.93
C12 0OF D . 15.42 1.29 -4.52
C13 0OF D . 16.15 1.31 -5.72
C14 0OF D . 15.60 -3.49 -6.13
C15 0OF D . 14.49 -3.45 -7.01
C16 0OF D . 13.52 -4.45 -6.99
C17 0OF D . 13.64 -5.50 -6.09
C18 0OF D . 14.73 -5.55 -5.22
C19 0OF D . 15.70 -4.56 -5.23
C20 0OF D . 14.31 0.11 -2.66
F21 0OF D . 13.82 -1.09 -2.27
F22 0OF D . 13.25 0.97 -2.76
F23 0OF D . 15.05 0.58 -1.63
C24 0OF D . 16.80 0.98 -8.62
C25 0OF D . 15.39 0.61 -9.08
C26 0OF D . 20.31 -1.98 -6.73
C27 0OF D . 21.24 -1.51 -5.80
C28 0OF D . 22.57 -1.86 -5.93
C29 0OF D . 23.00 -2.69 -6.95
C30 0OF D . 22.10 -3.20 -7.90
C31 0OF D . 20.75 -2.82 -7.77
O32 0OF D . 23.48 -1.40 -5.01
C33 0OF D . 22.61 -4.07 -8.96
C34 0OF D . 23.99 -4.18 -9.20
N35 0OF D . 24.55 -4.96 -10.16
C36 0OF D . 23.71 -5.70 -10.90
C37 0OF D . 22.33 -5.68 -10.76
C38 0OF D . 21.78 -4.85 -9.77
I IOD E . 23.98 7.72 12.99
I IOD F . 12.34 5.78 3.73
I IOD G . 13.86 -13.73 -2.62
I IOD H . 22.65 0.37 -17.11
N1 0OE I . 11.87 -17.32 1.25
N2 0OE I . 12.87 -16.53 0.89
C3 0OE I . 12.47 -15.40 0.17
C4 0OE I . 11.10 -15.52 0.08
C5 0OE I . 10.72 -16.73 0.76
C6 0OE I . 9.35 -17.33 0.97
C7 0OE I . 8.35 -16.65 1.67
C8 0OE I . 7.10 -17.24 1.85
C9 0OE I . 6.84 -18.52 1.36
C10 0OE I . 7.84 -19.20 0.68
C11 0OE I . 9.08 -18.61 0.49
C12 0OE I . 10.17 -14.55 -0.62
N13 0OE I . 9.48 -14.88 -1.79
C14 0OE I . 8.72 -13.76 -2.15
C15 0OE I . 9.00 -12.81 -1.15
N16 0OE I . 9.91 -13.31 -0.21
C17 0OE I . 7.86 -13.52 -3.20
C18 0OE I . 7.26 -12.24 -3.23
C19 0OE I . 7.55 -11.28 -2.25
C20 0OE I . 8.42 -11.56 -1.20
C21 0OE I . 6.82 -9.96 -2.36
C22 0OE I . 6.57 -9.37 -3.59
C23 0OE I . 5.86 -8.17 -3.66
C24 0OE I . 5.37 -7.58 -2.49
C25 0OE I . 5.60 -8.19 -1.26
C26 0OE I . 6.33 -9.37 -1.19
C27 0OE I . 4.59 -6.32 -2.58
O28 0OE I . 4.19 -5.90 -3.69
O29 0OE I . 4.29 -5.71 -1.52
CL 0OE I . 5.85 -16.41 2.70
C31 0OE I . 9.55 -16.16 -2.52
C32 0OE I . 10.57 -16.00 -3.61
C33 0OE I . 11.01 -17.35 -4.11
N34 0OE I . 11.75 -18.05 -3.08
C35 0OE I . 11.31 -19.14 -2.33
N36 0OE I . 12.24 -19.55 -1.44
C37 0OE I . 13.33 -18.71 -1.64
C38 0OE I . 13.06 -17.76 -2.66
#